data_2RL0
#
_entry.id   2RL0
#
_cell.length_a   85.580
_cell.length_b   85.580
_cell.length_c   230.860
_cell.angle_alpha   90.000
_cell.angle_beta   90.000
_cell.angle_gamma   90.000
#
_symmetry.space_group_name_H-M   'P 41 21 2'
#
loop_
_entity.id
_entity.type
_entity.pdbx_description
1 polymer Fibronectin
2 polymer 'Fibronectin-binding protein'
3 water water
#
loop_
_entity_poly.entity_id
_entity_poly.type
_entity_poly.pdbx_seq_one_letter_code
_entity_poly.pdbx_strand_id
1 'polypeptide(L)'
;EKCFDHAAGTSYVVGETWEKPYQGWMMVDCTCLGEGSGRITCTSRNRCNDQDTRTSYRIGDTWSKKDNRGNLLQCICTGN
GRGEWKCER
;
A,B,D,F,I,K
2 'polypeptide(L)' GQVTTESNLVEFDEESTK G,C,E,H,J,L
#
# COMPACT_ATOMS: atom_id res chain seq x y z
N GLU A 1 11.09 13.05 -42.00
CA GLU A 1 10.48 11.72 -41.58
C GLU A 1 9.22 11.97 -40.78
N LYS A 2 8.12 11.33 -41.19
CA LYS A 2 6.82 11.66 -40.63
C LYS A 2 6.20 10.48 -39.88
N CYS A 3 5.34 10.81 -38.90
CA CYS A 3 4.31 9.92 -38.41
C CYS A 3 2.99 10.50 -38.86
N PHE A 4 2.02 9.62 -39.08
CA PHE A 4 0.71 10.02 -39.54
C PHE A 4 -0.38 9.55 -38.59
N ASP A 5 -1.33 10.46 -38.34
CA ASP A 5 -2.59 10.20 -37.68
C ASP A 5 -3.69 10.17 -38.72
N HIS A 6 -3.93 8.99 -39.29
CA HIS A 6 -4.86 8.86 -40.40
CA HIS A 6 -4.86 8.85 -40.40
C HIS A 6 -6.30 9.19 -40.01
N ALA A 7 -6.64 9.04 -38.74
CA ALA A 7 -7.99 9.37 -38.27
C ALA A 7 -8.23 10.88 -38.27
N ALA A 8 -7.18 11.64 -37.98
CA ALA A 8 -7.28 13.08 -37.89
C ALA A 8 -6.84 13.80 -39.19
N GLY A 9 -6.33 13.02 -40.17
CA GLY A 9 -5.75 13.54 -41.43
C GLY A 9 -4.53 14.44 -41.27
N THR A 10 -3.69 14.12 -40.28
CA THR A 10 -2.59 14.96 -39.86
C THR A 10 -1.27 14.20 -39.86
N SER A 11 -0.17 14.92 -39.74
CA SER A 11 1.13 14.26 -39.78
C SER A 11 2.04 15.06 -38.88
N TYR A 12 3.10 14.41 -38.41
CA TYR A 12 3.97 14.99 -37.42
C TYR A 12 5.41 14.63 -37.71
N VAL A 13 6.35 15.39 -37.15
CA VAL A 13 7.75 15.04 -37.31
C VAL A 13 8.26 14.31 -36.07
N VAL A 14 9.39 13.62 -36.18
CA VAL A 14 9.95 12.94 -35.04
C VAL A 14 10.05 13.89 -33.86
N GLY A 15 9.54 13.45 -32.72
CA GLY A 15 9.63 14.19 -31.49
C GLY A 15 8.39 14.98 -31.14
N GLU A 16 7.48 15.16 -32.09
CA GLU A 16 6.30 15.94 -31.79
C GLU A 16 5.32 15.06 -31.00
N THR A 17 4.51 15.68 -30.12
CA THR A 17 3.42 14.94 -29.43
C THR A 17 2.08 15.59 -29.79
N TRP A 18 1.02 14.80 -29.63
CA TRP A 18 -0.33 15.26 -29.89
C TRP A 18 -1.33 14.37 -29.21
N GLU A 19 -2.54 14.89 -29.15
CA GLU A 19 -3.64 14.25 -28.53
C GLU A 19 -4.42 13.52 -29.58
N LYS A 20 -4.86 12.33 -29.24
CA LYS A 20 -5.53 11.45 -30.13
C LYS A 20 -6.64 10.71 -29.36
N PRO A 21 -7.86 10.59 -29.96
CA PRO A 21 -8.91 9.77 -29.36
C PRO A 21 -8.63 8.31 -29.44
N TYR A 22 -9.11 7.60 -28.44
CA TYR A 22 -8.93 6.19 -28.37
C TYR A 22 -10.26 5.55 -28.00
N GLN A 23 -10.72 4.65 -28.86
CA GLN A 23 -12.00 3.94 -28.68
C GLN A 23 -13.12 4.86 -28.20
N GLY A 24 -13.33 5.91 -29.00
CA GLY A 24 -14.53 6.70 -28.94
C GLY A 24 -14.42 7.87 -28.01
N TRP A 25 -14.18 7.67 -26.72
CA TRP A 25 -14.21 8.82 -25.82
C TRP A 25 -12.91 9.04 -25.01
N MET A 26 -12.04 8.05 -24.98
CA MET A 26 -10.77 8.18 -24.24
C MET A 26 -9.78 8.98 -25.03
N MET A 27 -8.82 9.59 -24.32
CA MET A 27 -7.80 10.38 -24.94
C MET A 27 -6.44 9.80 -24.53
N VAL A 28 -5.54 9.71 -25.49
CA VAL A 28 -4.13 9.37 -25.24
C VAL A 28 -3.23 10.48 -25.79
N ASP A 29 -1.99 10.50 -25.31
CA ASP A 29 -0.96 11.39 -25.86
C ASP A 29 0.01 10.55 -26.61
N CYS A 30 0.21 10.88 -27.89
CA CYS A 30 1.09 10.13 -28.76
C CYS A 30 2.29 10.97 -29.12
N THR A 31 3.43 10.29 -29.18
CA THR A 31 4.71 10.83 -29.62
C THR A 31 5.24 10.11 -30.86
N CYS A 32 5.71 10.90 -31.82
CA CYS A 32 6.28 10.37 -33.04
C CYS A 32 7.71 9.91 -32.85
N LEU A 33 7.92 8.61 -33.10
CA LEU A 33 9.25 8.01 -32.99
C LEU A 33 9.87 7.85 -34.37
N GLY A 34 9.06 7.43 -35.35
CA GLY A 34 9.52 7.35 -36.73
C GLY A 34 10.14 5.99 -36.95
N GLU A 35 11.46 5.89 -36.75
CA GLU A 35 12.21 4.64 -36.93
C GLU A 35 11.91 4.03 -38.31
N GLY A 36 11.75 4.88 -39.32
CA GLY A 36 11.47 4.42 -40.69
C GLY A 36 10.19 3.59 -40.85
N SER A 37 9.28 3.67 -39.88
CA SER A 37 8.01 2.96 -39.98
C SER A 37 6.83 3.86 -39.52
N GLY A 38 7.10 5.15 -39.41
CA GLY A 38 6.08 6.07 -38.96
C GLY A 38 5.63 5.73 -37.54
N ARG A 39 6.56 5.24 -36.72
CA ARG A 39 6.22 4.67 -35.41
C ARG A 39 5.83 5.72 -34.35
N ILE A 40 4.66 5.51 -33.74
CA ILE A 40 4.21 6.37 -32.68
C ILE A 40 3.97 5.53 -31.41
N THR A 41 4.19 6.18 -30.28
CA THR A 41 3.90 5.61 -29.01
C THR A 41 2.88 6.49 -28.26
N CYS A 42 1.84 5.87 -27.71
CA CYS A 42 0.73 6.54 -27.08
C CYS A 42 0.49 6.02 -25.70
N THR A 43 0.04 6.92 -24.84
CA THR A 43 -0.18 6.58 -23.45
C THR A 43 -1.18 7.56 -22.88
N SER A 44 -1.98 7.09 -21.92
CA SER A 44 -2.92 7.93 -21.22
C SER A 44 -2.40 8.25 -19.84
N ARG A 45 -1.09 8.07 -19.61
CA ARG A 45 -0.53 8.20 -18.25
C ARG A 45 -0.81 9.55 -17.61
N ASN A 46 -1.01 10.59 -18.44
CA ASN A 46 -1.22 11.93 -17.89
C ASN A 46 -2.65 12.42 -17.90
N ARG A 47 -3.54 11.46 -18.11
CA ARG A 47 -4.97 11.70 -18.19
C ARG A 47 -5.77 10.74 -17.33
N CYS A 48 -7.01 11.10 -17.05
CA CYS A 48 -7.91 10.20 -16.30
C CYS A 48 -9.11 9.84 -17.17
N ASN A 49 -9.14 8.62 -17.74
CA ASN A 49 -10.17 8.19 -18.63
C ASN A 49 -11.08 7.34 -17.83
N ASP A 50 -12.11 7.92 -17.25
CA ASP A 50 -12.93 7.18 -16.28
C ASP A 50 -14.01 6.42 -17.04
N GLN A 51 -13.87 5.11 -17.08
CA GLN A 51 -14.86 4.25 -17.67
C GLN A 51 -16.25 4.46 -17.11
N ASP A 52 -16.35 5.01 -15.89
CA ASP A 52 -17.67 5.09 -15.29
C ASP A 52 -18.49 6.22 -15.88
N THR A 53 -17.83 7.27 -16.31
CA THR A 53 -18.51 8.41 -16.88
C THR A 53 -18.24 8.53 -18.36
N ARG A 54 -17.39 7.66 -18.90
CA ARG A 54 -16.96 7.73 -20.33
C ARG A 54 -16.52 9.12 -20.73
N THR A 55 -15.76 9.72 -19.82
CA THR A 55 -15.24 11.05 -19.96
C THR A 55 -13.75 11.09 -19.71
N SER A 56 -13.03 11.92 -20.47
CA SER A 56 -11.59 12.03 -20.31
C SER A 56 -11.27 13.30 -19.54
N TYR A 57 -10.57 13.18 -18.40
CA TYR A 57 -10.21 14.33 -17.54
C TYR A 57 -8.71 14.64 -17.62
N ARG A 58 -8.37 15.93 -17.38
CA ARG A 58 -7.00 16.40 -17.22
C ARG A 58 -6.61 16.46 -15.77
N ILE A 59 -5.30 16.43 -15.49
CA ILE A 59 -4.77 16.52 -14.12
C ILE A 59 -5.39 17.76 -13.55
N GLY A 60 -5.91 17.69 -12.32
CA GLY A 60 -6.58 18.82 -11.71
C GLY A 60 -8.08 18.92 -11.93
N ASP A 61 -8.61 18.25 -12.97
CA ASP A 61 -10.06 18.28 -13.20
C ASP A 61 -10.73 17.56 -12.07
N THR A 62 -11.93 17.98 -11.70
CA THR A 62 -12.71 17.38 -10.64
C THR A 62 -14.02 16.93 -11.23
N TRP A 63 -14.59 15.84 -10.72
CA TRP A 63 -15.92 15.37 -11.17
C TRP A 63 -16.62 14.55 -10.08
N SER A 64 -17.91 14.33 -10.20
CA SER A 64 -18.56 13.56 -9.16
C SER A 64 -19.25 12.33 -9.74
N LYS A 65 -19.38 11.28 -8.94
CA LYS A 65 -20.09 10.10 -9.36
C LYS A 65 -20.44 9.31 -8.10
N LYS A 66 -21.42 8.41 -8.19
CA LYS A 66 -21.84 7.58 -7.07
C LYS A 66 -20.83 6.45 -6.78
N ASP A 67 -20.76 6.02 -5.52
CA ASP A 67 -20.16 4.73 -5.22
C ASP A 67 -21.22 3.65 -5.48
N ASN A 68 -21.18 2.53 -4.75
CA ASN A 68 -22.13 1.47 -5.01
C ASN A 68 -23.25 1.40 -3.95
N ARG A 69 -23.36 2.45 -3.16
CA ARG A 69 -24.33 2.50 -2.07
C ARG A 69 -24.97 3.88 -1.91
N GLY A 70 -25.14 4.61 -3.02
CA GLY A 70 -25.87 5.89 -2.91
C GLY A 70 -25.06 7.08 -2.42
N ASN A 71 -23.76 6.90 -2.14
CA ASN A 71 -22.95 8.08 -1.78
C ASN A 71 -22.33 8.75 -2.97
N LEU A 72 -22.47 10.06 -3.02
CA LEU A 72 -21.80 10.83 -4.05
C LEU A 72 -20.33 11.07 -3.72
N LEU A 73 -19.44 10.73 -4.65
CA LEU A 73 -18.01 10.92 -4.47
C LEU A 73 -17.59 12.13 -5.26
N GLN A 74 -16.55 12.81 -4.78
CA GLN A 74 -15.90 13.86 -5.55
C GLN A 74 -14.56 13.36 -5.99
N CYS A 75 -14.28 13.41 -7.29
CA CYS A 75 -13.04 12.83 -7.77
C CYS A 75 -12.12 13.91 -8.27
N ILE A 76 -10.82 13.65 -8.20
CA ILE A 76 -9.82 14.54 -8.78
C ILE A 76 -8.78 13.72 -9.51
N CYS A 77 -8.44 14.18 -10.71
CA CYS A 77 -7.39 13.57 -11.47
C CYS A 77 -6.00 14.05 -11.01
N THR A 78 -5.14 13.11 -10.60
CA THR A 78 -3.81 13.43 -10.07
C THR A 78 -2.73 12.99 -11.03
N GLY A 79 -3.05 12.02 -11.89
CA GLY A 79 -2.04 11.41 -12.80
C GLY A 79 -1.15 10.38 -12.15
N ASN A 80 -0.25 10.84 -11.28
CA ASN A 80 0.68 9.97 -10.59
C ASN A 80 1.51 9.11 -11.55
N GLY A 81 1.74 9.62 -12.75
CA GLY A 81 2.43 8.91 -13.84
C GLY A 81 1.75 7.64 -14.36
N ARG A 82 0.49 7.42 -13.99
CA ARG A 82 -0.18 6.13 -14.28
C ARG A 82 -1.69 6.25 -14.52
N GLY A 83 -2.18 7.43 -14.89
CA GLY A 83 -3.64 7.57 -15.22
C GLY A 83 -4.46 7.49 -13.98
N GLU A 84 -3.94 8.04 -12.87
CA GLU A 84 -4.59 7.84 -11.57
C GLU A 84 -5.48 8.98 -11.08
N TRP A 85 -6.55 8.68 -10.36
CA TRP A 85 -7.39 9.68 -9.73
C TRP A 85 -7.84 9.17 -8.38
N LYS A 86 -8.38 10.06 -7.55
CA LYS A 86 -8.87 9.76 -6.23
C LYS A 86 -10.27 10.29 -6.09
N CYS A 87 -11.12 9.54 -5.41
CA CYS A 87 -12.46 9.94 -5.17
C CYS A 87 -12.70 9.87 -3.68
N GLU A 88 -13.49 10.80 -3.17
CA GLU A 88 -13.70 10.71 -1.72
C GLU A 88 -15.09 11.09 -1.38
N ARG A 89 -15.59 10.49 -0.32
CA ARG A 89 -16.86 10.89 0.25
C ARG A 89 -16.80 12.32 0.82
N GLY B 1 -13.15 12.62 4.63
CA GLY B 1 -13.92 11.78 3.65
C GLY B 1 -13.16 10.50 3.26
N GLN B 2 -13.86 9.37 3.21
CA GLN B 2 -13.22 8.10 2.78
C GLN B 2 -12.75 8.13 1.30
N VAL B 3 -11.51 7.72 1.03
CA VAL B 3 -10.91 7.81 -0.36
C VAL B 3 -10.76 6.49 -1.16
N THR B 4 -11.19 6.51 -2.42
CA THR B 4 -11.00 5.39 -3.34
C THR B 4 -10.09 5.84 -4.48
N THR B 5 -9.00 5.11 -4.67
CA THR B 5 -8.09 5.38 -5.76
C THR B 5 -8.29 4.47 -6.95
N GLU B 6 -8.20 5.01 -8.15
CA GLU B 6 -8.41 4.23 -9.33
C GLU B 6 -7.44 4.67 -10.31
N SER B 7 -7.19 3.83 -11.30
CA SER B 7 -6.39 4.25 -12.42
C SER B 7 -6.83 3.47 -13.65
N ASN B 8 -6.49 4.04 -14.77
CA ASN B 8 -6.70 3.41 -16.05
C ASN B 8 -5.60 3.82 -16.95
N LEU B 9 -4.82 2.88 -17.45
CA LEU B 9 -3.65 3.31 -18.23
C LEU B 9 -3.68 2.54 -19.52
N VAL B 10 -3.68 3.28 -20.63
CA VAL B 10 -3.61 2.73 -21.96
C VAL B 10 -2.25 3.03 -22.49
N GLU B 11 -1.56 2.01 -22.99
CA GLU B 11 -0.28 2.19 -23.65
C GLU B 11 -0.21 1.33 -24.90
N PHE B 12 0.12 1.94 -26.04
CA PHE B 12 0.35 1.14 -27.26
C PHE B 12 1.31 1.83 -28.20
N ASP B 13 1.78 1.03 -29.14
CA ASP B 13 2.57 1.51 -30.26
C ASP B 13 1.90 1.17 -31.57
N GLU B 14 2.20 1.93 -32.61
CA GLU B 14 1.85 1.44 -33.92
C GLU B 14 2.72 2.12 -34.93
N GLU B 15 2.64 1.63 -36.15
CA GLU B 15 3.27 2.20 -37.28
C GLU B 15 2.24 2.98 -38.07
N SER B 16 2.70 3.82 -38.99
CA SER B 16 1.83 4.67 -39.81
C SER B 16 2.47 4.92 -41.17
N THR B 17 1.69 5.16 -42.21
CA THR B 17 2.32 5.46 -43.51
C THR B 17 1.54 6.51 -44.33
N GLU C 1 -9.18 -4.59 22.91
CA GLU C 1 -9.31 -6.09 23.04
C GLU C 1 -9.95 -6.68 21.78
N LYS C 2 -11.24 -6.42 21.54
CA LYS C 2 -11.92 -6.97 20.33
C LYS C 2 -12.40 -5.94 19.26
N CYS C 3 -12.32 -6.34 17.99
CA CYS C 3 -13.07 -5.69 16.95
C CYS C 3 -14.17 -6.63 16.56
N PHE C 4 -15.28 -6.05 16.12
CA PHE C 4 -16.44 -6.80 15.77
C PHE C 4 -16.76 -6.56 14.32
N ASP C 5 -17.23 -7.63 13.66
CA ASP C 5 -17.83 -7.57 12.33
C ASP C 5 -19.32 -7.90 12.44
N HIS C 6 -20.15 -6.88 12.57
CA HIS C 6 -21.55 -7.14 12.94
C HIS C 6 -22.33 -7.77 11.77
N ALA C 7 -21.93 -7.49 10.52
CA ALA C 7 -22.50 -8.17 9.37
C ALA C 7 -22.24 -9.68 9.39
N ALA C 8 -21.06 -10.09 9.84
CA ALA C 8 -20.70 -11.51 9.81
C ALA C 8 -21.06 -12.26 11.11
N GLY C 9 -21.28 -11.49 12.18
CA GLY C 9 -21.56 -12.06 13.51
C GLY C 9 -20.28 -12.53 14.20
N THR C 10 -19.15 -11.93 13.82
CA THR C 10 -17.84 -12.42 14.25
C THR C 10 -17.10 -11.31 14.99
N SER C 11 -16.07 -11.70 15.74
CA SER C 11 -15.25 -10.82 16.55
C SER C 11 -13.83 -11.25 16.32
N TYR C 12 -12.89 -10.32 16.48
CA TYR C 12 -11.47 -10.56 16.32
C TYR C 12 -10.69 -9.86 17.44
N VAL C 13 -9.49 -10.33 17.73
CA VAL C 13 -8.66 -9.63 18.70
C VAL C 13 -7.61 -8.77 17.98
N VAL C 14 -6.98 -7.86 18.70
CA VAL C 14 -5.99 -6.95 18.10
C VAL C 14 -4.97 -7.73 17.26
N GLY C 15 -4.68 -7.28 16.03
CA GLY C 15 -3.65 -7.92 15.19
C GLY C 15 -4.19 -8.97 14.22
N GLU C 16 -5.43 -9.38 14.40
CA GLU C 16 -6.02 -10.34 13.50
C GLU C 16 -6.49 -9.67 12.20
N THR C 17 -6.44 -10.40 11.10
CA THR C 17 -6.98 -9.93 9.82
C THR C 17 -8.05 -10.89 9.30
N TRP C 18 -9.04 -10.33 8.60
CA TRP C 18 -10.06 -11.12 7.97
C TRP C 18 -10.57 -10.42 6.72
N GLU C 19 -11.35 -11.16 5.95
CA GLU C 19 -11.95 -10.64 4.76
C GLU C 19 -13.36 -10.20 5.09
N LYS C 20 -13.80 -9.05 4.57
CA LYS C 20 -15.22 -8.71 4.59
C LYS C 20 -15.67 -8.15 3.22
N PRO C 21 -16.96 -8.32 2.89
CA PRO C 21 -17.54 -7.67 1.74
C PRO C 21 -17.65 -6.18 1.95
N TYR C 22 -17.59 -5.44 0.87
CA TYR C 22 -17.68 -4.02 0.85
C TYR C 22 -18.57 -3.66 -0.32
N GLN C 23 -19.69 -3.01 -0.03
CA GLN C 23 -20.64 -2.55 -1.06
C GLN C 23 -21.03 -3.69 -2.02
N GLY C 24 -21.53 -4.77 -1.41
CA GLY C 24 -22.19 -5.80 -2.18
C GLY C 24 -21.22 -6.85 -2.68
N TRP C 25 -20.32 -6.51 -3.60
CA TRP C 25 -19.52 -7.56 -4.24
C TRP C 25 -18.02 -7.40 -4.07
N MET C 26 -17.58 -6.23 -3.62
CA MET C 26 -16.15 -5.99 -3.48
C MET C 26 -15.67 -6.70 -2.25
N MET C 27 -14.41 -7.15 -2.22
CA MET C 27 -13.83 -7.69 -1.00
C MET C 27 -12.69 -6.79 -0.53
N VAL C 28 -12.58 -6.63 0.79
CA VAL C 28 -11.45 -5.98 1.43
C VAL C 28 -10.86 -6.85 2.53
N ASP C 29 -9.62 -6.53 2.91
CA ASP C 29 -8.93 -7.19 4.00
C ASP C 29 -8.80 -6.24 5.16
N CYS C 30 -9.27 -6.64 6.33
CA CYS C 30 -9.34 -5.74 7.48
C CYS C 30 -8.52 -6.24 8.65
N THR C 31 -7.89 -5.32 9.37
CA THR C 31 -7.05 -5.67 10.50
C THR C 31 -7.61 -4.98 11.75
N CYS C 32 -7.68 -5.75 12.84
CA CYS C 32 -8.20 -5.24 14.06
C CYS C 32 -7.08 -4.44 14.73
N LEU C 33 -7.34 -3.16 14.98
CA LEU C 33 -6.39 -2.26 15.63
C LEU C 33 -6.74 -2.02 17.10
N GLY C 34 -8.03 -2.02 17.39
CA GLY C 34 -8.52 -1.84 18.77
C GLY C 34 -8.48 -0.38 19.17
N GLU C 35 -7.37 0.05 19.77
CA GLU C 35 -7.28 1.44 20.19
C GLU C 35 -8.49 1.93 20.98
N GLY C 36 -9.12 1.04 21.76
CA GLY C 36 -10.18 1.43 22.66
C GLY C 36 -11.54 1.66 22.03
N SER C 37 -11.57 1.82 20.69
CA SER C 37 -12.86 1.99 20.00
C SER C 37 -13.17 0.88 19.00
N GLY C 38 -12.62 -0.30 19.20
CA GLY C 38 -12.87 -1.45 18.32
C GLY C 38 -12.42 -1.13 16.88
N ARG C 39 -11.30 -0.41 16.75
CA ARG C 39 -10.98 0.24 15.49
C ARG C 39 -10.37 -0.76 14.51
N ILE C 40 -10.92 -0.78 13.31
CA ILE C 40 -10.38 -1.66 12.28
C ILE C 40 -9.94 -0.86 11.05
N THR C 41 -8.96 -1.38 10.35
CA THR C 41 -8.50 -0.74 9.13
C THR C 41 -8.64 -1.73 7.96
N CYS C 42 -9.18 -1.26 6.82
CA CYS C 42 -9.45 -2.15 5.69
C CYS C 42 -8.88 -1.62 4.39
N THR C 43 -8.50 -2.52 3.51
CA THR C 43 -7.91 -2.17 2.21
C THR C 43 -8.11 -3.28 1.22
N SER C 44 -8.27 -2.91 -0.06
CA SER C 44 -8.33 -3.90 -1.13
C SER C 44 -7.00 -4.02 -1.87
N ARG C 45 -5.91 -3.56 -1.26
CA ARG C 45 -4.64 -3.53 -1.93
C ARG C 45 -4.17 -4.87 -2.57
N ASN C 46 -4.51 -5.99 -1.92
CA ASN C 46 -4.09 -7.33 -2.30
C ASN C 46 -5.07 -8.02 -3.23
N ARG C 47 -6.10 -7.27 -3.61
CA ARG C 47 -7.21 -7.79 -4.43
C ARG C 47 -7.51 -6.94 -5.66
N CYS C 48 -8.30 -7.49 -6.60
CA CYS C 48 -8.66 -6.80 -7.85
C CYS C 48 -10.15 -6.78 -7.94
N ASN C 49 -10.74 -5.65 -7.55
CA ASN C 49 -12.17 -5.50 -7.54
C ASN C 49 -12.56 -4.82 -8.84
N ASP C 50 -12.90 -5.60 -9.85
CA ASP C 50 -13.09 -4.98 -11.14
C ASP C 50 -14.55 -4.57 -11.29
N GLN C 51 -14.78 -3.25 -11.40
CA GLN C 51 -16.12 -2.71 -11.44
C GLN C 51 -16.80 -3.12 -12.72
N ASP C 52 -16.04 -3.43 -13.75
CA ASP C 52 -16.69 -3.80 -14.99
C ASP C 52 -17.45 -5.13 -14.91
N THR C 53 -16.92 -6.07 -14.12
CA THR C 53 -17.52 -7.41 -13.97
C THR C 53 -18.19 -7.58 -12.64
N ARG C 54 -18.04 -6.59 -11.76
CA ARG C 54 -18.51 -6.69 -10.37
C ARG C 54 -18.12 -8.01 -9.69
N THR C 55 -16.85 -8.37 -9.86
CA THR C 55 -16.27 -9.58 -9.35
C THR C 55 -14.98 -9.20 -8.62
N SER C 56 -14.68 -9.84 -7.50
CA SER C 56 -13.41 -9.64 -6.77
C SER C 56 -12.45 -10.74 -7.13
N TYR C 57 -11.30 -10.38 -7.67
CA TYR C 57 -10.32 -11.38 -8.02
C TYR C 57 -9.15 -11.35 -7.05
N ARG C 58 -8.44 -12.47 -7.02
CA ARG C 58 -7.25 -12.63 -6.22
C ARG C 58 -6.04 -12.48 -7.09
N ILE C 59 -4.87 -12.15 -6.53
CA ILE C 59 -3.65 -12.13 -7.34
C ILE C 59 -3.40 -13.47 -8.07
N GLY C 60 -3.07 -13.39 -9.34
CA GLY C 60 -2.87 -14.60 -10.19
C GLY C 60 -4.15 -15.08 -10.89
N ASP C 61 -5.32 -14.66 -10.41
CA ASP C 61 -6.57 -14.95 -11.13
C ASP C 61 -6.57 -14.30 -12.47
N THR C 62 -7.26 -14.91 -13.43
CA THR C 62 -7.39 -14.38 -14.77
C THR C 62 -8.87 -14.25 -15.13
N TRP C 63 -9.21 -13.37 -16.07
CA TRP C 63 -10.60 -13.18 -16.46
C TRP C 63 -10.54 -12.45 -17.76
N SER C 64 -11.62 -12.45 -18.51
CA SER C 64 -11.67 -11.73 -19.79
C SER C 64 -12.78 -10.75 -19.81
N LYS C 65 -12.71 -9.75 -20.69
CA LYS C 65 -13.77 -8.81 -20.88
C LYS C 65 -13.45 -8.04 -22.11
N LYS C 66 -14.45 -7.40 -22.69
CA LYS C 66 -14.28 -6.64 -23.88
C LYS C 66 -13.67 -5.30 -23.62
N ASP C 67 -12.93 -4.75 -24.57
CA ASP C 67 -12.63 -3.34 -24.54
C ASP C 67 -13.85 -2.58 -25.11
N ASN C 68 -13.60 -1.39 -25.67
CA ASN C 68 -14.70 -0.57 -26.17
C ASN C 68 -14.85 -0.61 -27.70
N ARG C 69 -14.22 -1.60 -28.35
CA ARG C 69 -14.42 -1.76 -29.79
C ARG C 69 -14.58 -3.20 -30.18
N GLY C 70 -15.08 -4.03 -29.27
CA GLY C 70 -15.39 -5.37 -29.67
C GLY C 70 -14.24 -6.35 -29.51
N ASN C 71 -13.14 -5.93 -28.86
CA ASN C 71 -12.01 -6.84 -28.66
C ASN C 71 -12.02 -7.48 -27.32
N LEU C 72 -11.83 -8.80 -27.27
CA LEU C 72 -11.83 -9.48 -25.97
C LEU C 72 -10.44 -9.37 -25.36
N LEU C 73 -10.38 -8.88 -24.12
CA LEU C 73 -9.15 -8.76 -23.37
C LEU C 73 -9.01 -9.91 -22.39
N GLN C 74 -7.75 -10.24 -22.06
CA GLN C 74 -7.46 -11.23 -21.04
C GLN C 74 -6.78 -10.48 -19.96
N CYS C 75 -7.29 -10.60 -18.75
CA CYS C 75 -6.81 -9.85 -17.63
C CYS C 75 -6.21 -10.77 -16.58
N ILE C 76 -5.20 -10.26 -15.88
CA ILE C 76 -4.62 -10.95 -14.75
C ILE C 76 -4.41 -9.99 -13.60
N CYS C 77 -4.76 -10.43 -12.41
CA CYS C 77 -4.53 -9.65 -11.20
C CYS C 77 -3.10 -9.83 -10.68
N THR C 78 -2.36 -8.74 -10.65
CA THR C 78 -1.00 -8.73 -10.17
C THR C 78 -0.87 -8.02 -8.83
N GLY C 79 -1.87 -7.21 -8.45
CA GLY C 79 -1.86 -6.50 -7.19
C GLY C 79 -0.93 -5.30 -7.18
N ASN C 80 0.37 -5.54 -7.35
CA ASN C 80 1.37 -4.43 -7.42
C ASN C 80 1.30 -3.48 -6.22
N GLY C 81 0.71 -3.96 -5.13
CA GLY C 81 0.74 -3.21 -3.89
C GLY C 81 -0.34 -2.14 -3.93
N ARG C 82 -1.22 -2.19 -4.94
CA ARG C 82 -2.25 -1.18 -5.02
C ARG C 82 -3.55 -1.63 -5.72
N GLY C 83 -3.95 -2.91 -5.59
CA GLY C 83 -5.20 -3.36 -6.22
C GLY C 83 -5.16 -3.26 -7.74
N GLU C 84 -4.03 -3.66 -8.35
CA GLU C 84 -3.82 -3.47 -9.78
C GLU C 84 -3.96 -4.71 -10.62
N TRP C 85 -4.48 -4.56 -11.84
CA TRP C 85 -4.44 -5.64 -12.79
C TRP C 85 -4.10 -5.12 -14.16
N LYS C 86 -3.86 -6.09 -15.06
CA LYS C 86 -3.48 -5.82 -16.47
C LYS C 86 -4.27 -6.63 -17.44
N CYS C 87 -4.66 -5.99 -18.55
CA CYS C 87 -5.46 -6.64 -19.54
C CYS C 87 -4.81 -6.39 -20.86
N GLU C 88 -4.73 -7.42 -21.69
CA GLU C 88 -4.12 -7.31 -22.98
C GLU C 88 -4.94 -8.06 -24.02
N ARG C 89 -4.80 -7.66 -25.27
CA ARG C 89 -5.53 -8.23 -26.39
C ARG C 89 -5.00 -9.59 -26.88
N GLN D 2 -2.22 -3.63 -27.44
CA GLN D 2 -2.22 -2.72 -26.29
C GLN D 2 -2.21 -3.54 -24.95
N VAL D 3 -1.64 -2.92 -23.93
CA VAL D 3 -1.75 -3.38 -22.56
C VAL D 3 -2.51 -2.31 -21.85
N THR D 4 -3.63 -2.68 -21.26
CA THR D 4 -4.28 -1.76 -20.35
C THR D 4 -4.05 -2.18 -18.87
N THR D 5 -3.62 -1.20 -18.08
CA THR D 5 -3.43 -1.34 -16.66
C THR D 5 -4.54 -0.60 -15.88
N GLU D 6 -5.23 -1.29 -14.95
CA GLU D 6 -6.25 -0.67 -14.12
C GLU D 6 -5.99 -0.91 -12.68
N SER D 7 -6.55 -0.08 -11.81
CA SER D 7 -6.55 -0.40 -10.40
C SER D 7 -7.75 0.22 -9.76
N ASN D 8 -8.07 -0.33 -8.61
CA ASN D 8 -9.14 0.13 -7.80
C ASN D 8 -8.72 -0.12 -6.37
N LEU D 9 -8.68 0.92 -5.56
CA LEU D 9 -8.14 0.72 -4.24
C LEU D 9 -9.07 1.39 -3.27
N VAL D 10 -9.63 0.58 -2.37
CA VAL D 10 -10.53 1.01 -1.34
C VAL D 10 -9.71 0.95 -0.05
N GLU D 11 -9.80 2.00 0.76
CA GLU D 11 -9.06 2.11 2.02
C GLU D 11 -9.93 2.84 3.00
N PHE D 12 -10.15 2.26 4.19
CA PHE D 12 -10.92 2.96 5.22
C PHE D 12 -10.71 2.36 6.59
N ASP D 13 -11.08 3.17 7.58
CA ASP D 13 -11.09 2.78 8.96
C ASP D 13 -12.47 2.84 9.48
N GLU D 14 -12.65 2.18 10.60
CA GLU D 14 -13.93 1.94 11.15
C GLU D 14 -13.78 1.61 12.63
N GLU D 15 -14.78 2.00 13.39
CA GLU D 15 -14.92 1.62 14.78
C GLU D 15 -15.93 0.51 14.88
N SER D 16 -15.91 -0.26 15.97
CA SER D 16 -16.87 -1.35 16.12
C SER D 16 -17.29 -1.56 17.59
N THR D 17 -18.51 -2.02 17.81
CA THR D 17 -19.02 -2.38 19.15
C THR D 17 -19.60 -3.81 19.19
N LYS D 18 -19.62 -4.39 20.39
CA LYS D 18 -20.09 -5.78 20.60
C LYS D 18 -21.47 -6.06 20.00
N GLU E 1 -9.16 -22.01 -7.64
CA GLU E 1 -10.40 -22.62 -7.00
C GLU E 1 -10.78 -21.93 -5.70
N LYS E 2 -12.02 -21.52 -5.58
CA LYS E 2 -12.43 -20.86 -4.34
C LYS E 2 -13.53 -21.66 -3.61
N CYS E 3 -13.53 -21.50 -2.28
CA CYS E 3 -14.56 -21.95 -1.40
C CYS E 3 -15.41 -20.73 -1.12
N PHE E 4 -16.70 -20.91 -0.85
CA PHE E 4 -17.55 -19.76 -0.58
C PHE E 4 -18.29 -19.87 0.79
N ASP E 5 -18.62 -18.71 1.36
CA ASP E 5 -19.26 -18.65 2.67
C ASP E 5 -20.46 -17.74 2.55
N HIS E 6 -21.64 -18.35 2.44
CA HIS E 6 -22.83 -17.60 2.03
C HIS E 6 -23.41 -16.82 3.21
N ALA E 7 -23.18 -17.31 4.43
CA ALA E 7 -23.48 -16.55 5.64
C ALA E 7 -22.82 -15.17 5.60
N ALA E 8 -21.56 -15.11 5.15
CA ALA E 8 -20.81 -13.85 5.14
C ALA E 8 -20.71 -13.14 3.76
N GLY E 9 -21.03 -13.84 2.66
CA GLY E 9 -20.85 -13.27 1.33
C GLY E 9 -19.38 -13.23 0.86
N THR E 10 -18.56 -14.14 1.40
CA THR E 10 -17.12 -14.04 1.19
C THR E 10 -16.60 -15.26 0.45
N SER E 11 -15.34 -15.24 -0.01
CA SER E 11 -14.78 -16.41 -0.68
C SER E 11 -13.32 -16.61 -0.34
N TYR E 12 -12.81 -17.82 -0.50
CA TYR E 12 -11.44 -18.10 -0.03
C TYR E 12 -10.67 -18.94 -1.02
N VAL E 13 -9.33 -18.83 -0.97
CA VAL E 13 -8.44 -19.71 -1.75
C VAL E 13 -8.00 -20.92 -0.88
N VAL E 14 -7.64 -22.02 -1.52
CA VAL E 14 -7.46 -23.24 -0.73
C VAL E 14 -6.33 -22.96 0.23
N GLY E 15 -6.40 -23.58 1.39
CA GLY E 15 -5.40 -23.38 2.42
C GLY E 15 -5.78 -22.25 3.37
N GLU E 16 -6.67 -21.36 2.94
CA GLU E 16 -7.09 -20.22 3.78
C GLU E 16 -8.11 -20.62 4.87
N THR E 17 -8.03 -19.95 6.02
CA THR E 17 -8.92 -20.22 7.13
C THR E 17 -9.64 -18.96 7.54
N TRP E 18 -10.86 -19.12 8.01
CA TRP E 18 -11.63 -18.00 8.49
C TRP E 18 -12.48 -18.45 9.67
N GLU E 19 -13.06 -17.46 10.32
CA GLU E 19 -13.81 -17.64 11.49
C GLU E 19 -15.27 -17.58 11.11
N LYS E 20 -16.05 -18.54 11.62
CA LYS E 20 -17.46 -18.66 11.26
C LYS E 20 -18.31 -18.92 12.51
N PRO E 21 -19.43 -18.21 12.66
CA PRO E 21 -20.35 -18.56 13.72
C PRO E 21 -21.04 -19.90 13.45
N TYR E 22 -21.43 -20.58 14.51
CA TYR E 22 -22.13 -21.82 14.37
C TYR E 22 -23.29 -21.81 15.34
N GLN E 23 -24.46 -22.18 14.85
CA GLN E 23 -25.58 -22.21 15.71
C GLN E 23 -25.58 -20.97 16.55
N GLY E 24 -25.21 -19.83 15.97
CA GLY E 24 -25.39 -18.54 16.66
C GLY E 24 -24.23 -17.97 17.47
N TRP E 25 -23.95 -18.57 18.63
CA TRP E 25 -22.99 -18.01 19.58
C TRP E 25 -21.65 -18.73 19.51
N MET E 26 -21.67 -19.96 18.99
CA MET E 26 -20.45 -20.71 18.92
C MET E 26 -19.64 -20.23 17.73
N MET E 27 -18.35 -20.49 17.81
CA MET E 27 -17.44 -20.10 16.77
C MET E 27 -16.66 -21.30 16.31
N VAL E 28 -16.49 -21.39 15.01
CA VAL E 28 -15.61 -22.38 14.41
C VAL E 28 -14.61 -21.71 13.48
N ASP E 29 -13.59 -22.46 13.11
CA ASP E 29 -12.62 -22.05 12.14
C ASP E 29 -12.69 -23.00 10.96
N CYS E 30 -12.92 -22.40 9.79
CA CYS E 30 -13.11 -23.15 8.57
C CYS E 30 -11.89 -23.00 7.73
N THR E 31 -11.53 -24.08 7.03
CA THR E 31 -10.40 -24.11 6.13
C THR E 31 -10.80 -24.54 4.73
N CYS E 32 -10.47 -23.72 3.72
CA CYS E 32 -10.79 -24.09 2.34
C CYS E 32 -9.91 -25.23 1.85
N LEU E 33 -10.55 -26.36 1.49
CA LEU E 33 -9.81 -27.49 0.91
C LEU E 33 -10.02 -27.56 -0.61
N GLY E 34 -11.24 -27.26 -1.06
CA GLY E 34 -11.51 -27.04 -2.47
C GLY E 34 -11.88 -28.34 -3.17
N GLU E 35 -10.86 -29.02 -3.69
CA GLU E 35 -11.04 -30.35 -4.30
C GLU E 35 -12.22 -30.44 -5.29
N GLY E 36 -12.35 -29.47 -6.19
CA GLY E 36 -13.40 -29.53 -7.22
C GLY E 36 -14.80 -29.09 -6.82
N SER E 37 -15.02 -28.83 -5.53
CA SER E 37 -16.38 -28.60 -5.01
C SER E 37 -16.46 -27.32 -4.18
N GLY E 38 -15.28 -26.77 -3.87
CA GLY E 38 -15.19 -25.65 -2.95
C GLY E 38 -15.42 -26.27 -1.58
N ARG E 39 -14.72 -27.36 -1.33
CA ARG E 39 -14.88 -28.09 -0.09
C ARG E 39 -14.27 -27.33 1.07
N ILE E 40 -15.02 -27.24 2.17
CA ILE E 40 -14.49 -26.65 3.40
C ILE E 40 -14.68 -27.54 4.65
N THR E 41 -13.66 -27.54 5.52
CA THR E 41 -13.71 -28.27 6.78
C THR E 41 -13.71 -27.24 7.93
N CYS E 42 -14.70 -27.36 8.82
CA CYS E 42 -14.86 -26.46 9.95
C CYS E 42 -14.77 -27.20 11.28
N THR E 43 -14.11 -26.57 12.23
CA THR E 43 -13.86 -27.20 13.51
C THR E 43 -13.72 -26.18 14.61
N SER E 44 -14.29 -26.48 15.76
CA SER E 44 -14.06 -25.70 16.99
C SER E 44 -12.83 -26.10 17.78
N ARG E 45 -11.90 -26.85 17.19
CA ARG E 45 -10.77 -27.46 17.95
C ARG E 45 -9.91 -26.44 18.74
N ASN E 46 -9.79 -25.21 18.26
CA ASN E 46 -8.94 -24.22 18.97
C ASN E 46 -9.79 -23.15 19.65
N ARG E 47 -11.02 -23.50 19.97
CA ARG E 47 -11.85 -22.60 20.73
C ARG E 47 -12.58 -23.36 21.82
N CYS E 48 -13.11 -22.58 22.76
CA CYS E 48 -13.94 -23.06 23.84
C CYS E 48 -15.30 -22.48 23.74
N ASN E 49 -16.20 -23.24 23.13
CA ASN E 49 -17.60 -22.91 23.06
C ASN E 49 -18.33 -23.52 24.25
N ASP E 50 -18.50 -22.73 25.33
CA ASP E 50 -19.05 -23.27 26.59
C ASP E 50 -20.55 -23.06 26.64
N GLN E 51 -21.29 -24.15 26.49
CA GLN E 51 -22.73 -24.04 26.34
C GLN E 51 -23.42 -23.54 27.62
N ASP E 52 -22.74 -23.68 28.75
CA ASP E 52 -23.26 -23.22 30.04
C ASP E 52 -23.51 -21.73 30.01
N THR E 53 -22.49 -20.99 29.55
CA THR E 53 -22.54 -19.53 29.39
C THR E 53 -22.94 -19.07 27.95
N ARG E 54 -22.93 -19.99 26.99
CA ARG E 54 -23.30 -19.64 25.61
C ARG E 54 -22.34 -18.60 25.08
N THR E 55 -21.07 -18.82 25.37
CA THR E 55 -20.03 -17.89 25.07
C THR E 55 -18.90 -18.65 24.46
N SER E 56 -18.26 -18.04 23.46
CA SER E 56 -17.18 -18.67 22.75
C SER E 56 -15.90 -17.99 23.21
N TYR E 57 -14.93 -18.77 23.68
CA TYR E 57 -13.73 -18.19 24.27
C TYR E 57 -12.59 -18.58 23.45
N ARG E 58 -11.50 -17.85 23.62
CA ARG E 58 -10.30 -18.14 22.88
C ARG E 58 -9.35 -18.73 23.86
N ILE E 59 -8.27 -19.31 23.36
CA ILE E 59 -7.24 -19.84 24.23
C ILE E 59 -6.68 -18.69 25.08
N GLY E 60 -6.58 -18.89 26.40
CA GLY E 60 -6.09 -17.86 27.31
C GLY E 60 -7.25 -17.31 28.11
N ASP E 61 -8.40 -17.19 27.47
CA ASP E 61 -9.53 -16.59 28.16
C ASP E 61 -9.90 -17.34 29.46
N THR E 62 -10.37 -16.58 30.45
CA THR E 62 -10.95 -17.15 31.64
C THR E 62 -12.35 -16.61 31.81
N TRP E 63 -13.19 -17.37 32.50
CA TRP E 63 -14.53 -16.98 32.86
C TRP E 63 -14.85 -17.67 34.16
N SER E 64 -16.07 -17.52 34.63
CA SER E 64 -16.53 -18.18 35.81
C SER E 64 -18.01 -18.43 35.65
N LYS E 65 -18.52 -19.48 36.29
CA LYS E 65 -19.98 -19.72 36.34
C LYS E 65 -20.38 -20.73 37.43
N LYS E 66 -21.68 -21.05 37.48
CA LYS E 66 -22.31 -21.87 38.52
C LYS E 66 -22.40 -23.35 38.14
N ASP E 67 -22.25 -24.25 39.12
CA ASP E 67 -22.46 -25.66 38.76
C ASP E 67 -23.92 -26.03 39.03
N ASN E 68 -24.22 -27.33 39.03
CA ASN E 68 -25.58 -27.78 39.15
C ASN E 68 -26.24 -27.37 40.45
N ARG E 69 -25.42 -27.17 41.48
CA ARG E 69 -25.93 -26.94 42.83
C ARG E 69 -25.37 -25.63 43.37
N GLY E 70 -25.11 -24.67 42.48
CA GLY E 70 -24.75 -23.30 42.85
C GLY E 70 -23.29 -22.98 43.18
N ASN E 71 -22.42 -23.98 43.13
CA ASN E 71 -20.99 -23.75 43.36
C ASN E 71 -20.30 -22.99 42.22
N LEU E 72 -19.47 -22.03 42.58
CA LEU E 72 -18.78 -21.18 41.60
C LEU E 72 -17.53 -21.84 41.03
N LEU E 73 -17.55 -22.05 39.72
CA LEU E 73 -16.40 -22.61 39.01
C LEU E 73 -15.63 -21.50 38.35
N GLN E 74 -14.31 -21.65 38.31
CA GLN E 74 -13.47 -20.71 37.56
C GLN E 74 -12.77 -21.46 36.45
N CYS E 75 -13.20 -21.19 35.21
CA CYS E 75 -12.68 -21.87 34.02
C CYS E 75 -11.65 -21.04 33.23
N ILE E 76 -10.78 -21.75 32.52
CA ILE E 76 -9.82 -21.18 31.60
C ILE E 76 -9.75 -22.00 30.30
N CYS E 77 -9.64 -21.33 29.15
CA CYS E 77 -9.65 -22.01 27.84
C CYS E 77 -8.25 -22.47 27.40
N THR E 78 -8.08 -23.78 27.19
CA THR E 78 -6.75 -24.34 26.86
C THR E 78 -6.67 -24.83 25.40
N GLY E 79 -7.78 -25.30 24.85
CA GLY E 79 -7.81 -25.68 23.42
C GLY E 79 -7.34 -27.09 23.10
N ASN E 80 -6.03 -27.25 22.89
CA ASN E 80 -5.33 -28.56 22.67
C ASN E 80 -5.70 -29.30 21.40
N GLY E 81 -6.29 -28.61 20.43
CA GLY E 81 -6.78 -29.27 19.23
C GLY E 81 -7.99 -30.14 19.52
N ARG E 82 -8.61 -29.92 20.68
CA ARG E 82 -9.73 -30.76 21.11
C ARG E 82 -10.92 -29.91 21.54
N GLY E 83 -10.83 -28.59 21.41
CA GLY E 83 -11.88 -27.69 21.89
C GLY E 83 -11.98 -27.69 23.42
N GLU E 84 -10.83 -27.73 24.06
CA GLU E 84 -10.75 -28.13 25.47
C GLU E 84 -10.45 -26.98 26.44
N TRP E 85 -11.13 -26.99 27.58
CA TRP E 85 -10.83 -26.08 28.68
C TRP E 85 -10.87 -26.79 30.05
N LYS E 86 -10.64 -26.02 31.12
CA LYS E 86 -10.62 -26.53 32.51
C LYS E 86 -11.36 -25.60 33.49
N CYS E 87 -11.95 -26.17 34.52
CA CYS E 87 -12.59 -25.40 35.56
C CYS E 87 -12.07 -25.85 36.96
N GLU E 88 -12.42 -25.09 38.00
CA GLU E 88 -12.19 -25.45 39.42
C GLU E 88 -13.45 -25.17 40.24
N ARG E 89 -13.70 -26.04 41.23
CA ARG E 89 -14.98 -26.15 41.95
C ARG E 89 -15.21 -25.10 43.03
N GLN F 2 -10.95 -31.28 42.22
CA GLN F 2 -11.68 -29.98 42.05
C GLN F 2 -11.61 -29.50 40.60
N VAL F 3 -10.59 -29.97 39.88
CA VAL F 3 -10.41 -29.69 38.45
C VAL F 3 -11.24 -30.63 37.52
N THR F 4 -12.19 -30.04 36.81
CA THR F 4 -12.99 -30.71 35.82
C THR F 4 -12.43 -30.29 34.45
N THR F 5 -12.20 -31.26 33.56
CA THR F 5 -11.67 -30.97 32.21
C THR F 5 -12.78 -31.23 31.21
N GLU F 6 -12.99 -30.26 30.31
CA GLU F 6 -14.15 -30.22 29.42
C GLU F 6 -13.77 -29.94 28.00
N SER F 7 -14.48 -30.56 27.06
CA SER F 7 -14.30 -30.18 25.66
C SER F 7 -15.70 -30.13 24.93
N ASN F 8 -15.74 -29.32 23.89
CA ASN F 8 -16.89 -29.20 23.05
C ASN F 8 -16.37 -29.04 21.66
N LEU F 9 -16.25 -30.15 20.94
CA LEU F 9 -15.69 -30.13 19.61
C LEU F 9 -16.80 -30.25 18.60
N VAL F 10 -16.92 -29.25 17.73
CA VAL F 10 -17.88 -29.30 16.64
C VAL F 10 -17.06 -29.40 15.37
N GLU F 11 -17.44 -30.30 14.49
CA GLU F 11 -16.75 -30.46 13.22
C GLU F 11 -17.76 -30.79 12.16
N PHE F 12 -17.72 -30.05 11.06
CA PHE F 12 -18.52 -30.41 9.90
C PHE F 12 -17.76 -30.04 8.61
N ASP F 13 -17.97 -30.84 7.58
CA ASP F 13 -17.27 -30.70 6.33
C ASP F 13 -18.31 -30.61 5.23
N GLU F 14 -18.32 -29.49 4.52
CA GLU F 14 -19.26 -29.28 3.37
C GLU F 14 -18.55 -28.99 2.02
N GLU F 15 -19.38 -28.81 0.98
CA GLU F 15 -18.95 -28.25 -0.30
C GLU F 15 -19.74 -26.96 -0.57
N SER F 16 -19.10 -25.96 -1.18
CA SER F 16 -19.53 -24.57 -0.87
C SER F 16 -20.18 -23.76 -2.01
N THR F 17 -20.52 -22.53 -1.61
CA THR F 17 -21.39 -21.55 -2.25
C THR F 17 -22.76 -21.70 -1.57
N GLU G 1 1.62 27.71 -12.72
CA GLU G 1 1.37 26.91 -13.97
C GLU G 1 2.08 25.55 -13.92
N LYS G 2 3.42 25.55 -13.83
CA LYS G 2 4.16 24.30 -13.63
C LYS G 2 5.09 24.27 -12.38
N CYS G 3 5.48 23.07 -11.95
CA CYS G 3 6.48 22.88 -10.90
C CYS G 3 7.62 22.18 -11.55
N PHE G 4 8.83 22.43 -11.07
CA PHE G 4 9.99 21.85 -11.74
C PHE G 4 10.82 21.07 -10.76
N ASP G 5 11.33 19.94 -11.22
CA ASP G 5 12.32 19.16 -10.52
C ASP G 5 13.59 19.22 -11.33
N HIS G 6 14.51 20.08 -10.89
CA HIS G 6 15.68 20.43 -11.71
C HIS G 6 16.72 19.31 -11.68
N ALA G 7 16.82 18.58 -10.58
CA ALA G 7 17.67 17.38 -10.55
C ALA G 7 17.20 16.31 -11.56
N ALA G 8 15.88 16.06 -11.61
CA ALA G 8 15.34 15.06 -12.53
C ALA G 8 15.16 15.64 -13.89
N GLY G 9 15.05 16.96 -13.98
CA GLY G 9 14.87 17.65 -15.27
C GLY G 9 13.44 17.43 -15.72
N THR G 10 12.55 17.27 -14.75
CA THR G 10 11.13 17.08 -15.03
C THR G 10 10.28 18.33 -14.65
N SER G 11 9.04 18.37 -15.14
CA SER G 11 8.07 19.36 -14.66
C SER G 11 6.68 18.75 -14.46
N TYR G 12 5.80 19.48 -13.81
CA TYR G 12 4.55 18.93 -13.34
C TYR G 12 3.55 20.01 -13.48
N VAL G 13 2.29 19.67 -13.68
CA VAL G 13 1.29 20.70 -13.79
C VAL G 13 0.65 20.83 -12.44
N VAL G 14 -0.17 21.86 -12.27
CA VAL G 14 -0.79 22.05 -10.97
C VAL G 14 -1.81 20.94 -10.68
N GLY G 15 -1.69 20.36 -9.48
CA GLY G 15 -2.47 19.19 -9.08
C GLY G 15 -1.90 17.82 -9.37
N GLU G 16 -0.81 17.76 -10.11
CA GLU G 16 -0.19 16.47 -10.41
C GLU G 16 0.48 15.96 -9.12
N THR G 17 0.51 14.63 -8.96
CA THR G 17 1.22 13.99 -7.89
C THR G 17 2.18 13.01 -8.52
N TRP G 18 3.18 12.61 -7.74
CA TRP G 18 4.16 11.67 -8.19
C TRP G 18 4.86 11.12 -6.95
N GLU G 19 5.42 9.94 -7.11
CA GLU G 19 6.09 9.23 -6.04
C GLU G 19 7.56 9.27 -6.37
N LYS G 20 8.38 9.33 -5.32
CA LYS G 20 9.78 9.61 -5.41
C LYS G 20 10.62 8.80 -4.40
N PRO G 21 11.74 8.18 -4.82
CA PRO G 21 12.59 7.64 -3.73
C PRO G 21 13.19 8.77 -2.91
N TYR G 22 13.65 8.43 -1.72
CA TYR G 22 14.34 9.40 -0.90
C TYR G 22 15.37 8.64 -0.04
N GLN G 23 16.63 9.04 -0.19
CA GLN G 23 17.75 8.44 0.50
C GLN G 23 17.83 6.98 0.14
N GLY G 24 17.58 6.71 -1.13
CA GLY G 24 17.75 5.38 -1.68
C GLY G 24 16.57 4.44 -1.55
N TRP G 25 16.10 4.23 -0.31
CA TRP G 25 15.21 3.10 0.00
C TRP G 25 13.80 3.53 0.38
N MET G 26 13.71 4.76 0.87
CA MET G 26 12.49 5.39 1.29
C MET G 26 11.68 5.96 0.11
N MET G 27 10.38 6.13 0.34
CA MET G 27 9.46 6.67 -0.65
C MET G 27 8.70 7.84 -0.06
N VAL G 28 8.46 8.87 -0.88
CA VAL G 28 7.58 9.97 -0.51
C VAL G 28 6.63 10.28 -1.68
N ASP G 29 5.56 10.99 -1.39
CA ASP G 29 4.54 11.35 -2.38
C ASP G 29 4.50 12.84 -2.48
N CYS G 30 4.65 13.34 -3.70
CA CYS G 30 4.75 14.78 -3.96
C CYS G 30 3.54 15.33 -4.72
N THR G 31 3.30 16.61 -4.53
CA THR G 31 2.24 17.32 -5.21
C THR G 31 2.73 18.65 -5.72
N CYS G 32 2.40 18.97 -6.97
CA CYS G 32 2.54 20.33 -7.50
C CYS G 32 1.35 21.23 -7.10
N LEU G 33 1.63 22.13 -6.16
CA LEU G 33 0.66 23.10 -5.71
C LEU G 33 0.67 24.33 -6.61
N GLY G 34 1.86 24.71 -7.06
CA GLY G 34 2.03 25.89 -7.93
C GLY G 34 1.90 27.13 -7.05
N GLU G 35 0.66 27.44 -6.67
CA GLU G 35 0.32 28.63 -5.85
C GLU G 35 1.18 29.81 -6.21
N GLY G 36 1.51 29.92 -7.48
CA GLY G 36 2.24 31.08 -7.98
C GLY G 36 3.76 30.97 -7.88
N SER G 37 4.29 29.99 -7.14
CA SER G 37 5.75 29.87 -7.02
C SER G 37 6.31 28.49 -7.35
N GLY G 38 5.63 27.75 -8.22
CA GLY G 38 6.05 26.41 -8.56
C GLY G 38 6.12 25.55 -7.32
N ARG G 39 5.27 25.86 -6.35
CA ARG G 39 5.28 25.23 -5.02
C ARG G 39 5.06 23.70 -5.03
N ILE G 40 6.04 22.99 -4.45
CA ILE G 40 6.03 21.53 -4.38
C ILE G 40 6.07 21.11 -2.93
N THR G 41 5.28 20.12 -2.60
CA THR G 41 5.14 19.68 -1.25
C THR G 41 5.21 18.15 -1.32
N CYS G 42 6.10 17.56 -0.52
CA CYS G 42 6.36 16.12 -0.50
C CYS G 42 6.11 15.60 0.94
N THR G 43 5.71 14.33 1.08
CA THR G 43 5.37 13.78 2.37
C THR G 43 5.29 12.27 2.37
N SER G 44 5.65 11.67 3.53
CA SER G 44 5.67 10.22 3.67
C SER G 44 4.50 9.82 4.51
N ARG G 45 3.47 10.66 4.61
CA ARG G 45 2.35 10.36 5.52
C ARG G 45 1.60 9.05 5.18
N ASN G 46 1.67 8.63 3.90
CA ASN G 46 1.02 7.39 3.44
C ASN G 46 2.02 6.24 3.19
N ARG G 47 3.24 6.38 3.73
CA ARG G 47 4.33 5.42 3.53
C ARG G 47 4.83 4.99 4.90
N CYS G 48 5.20 3.73 5.05
CA CYS G 48 5.88 3.32 6.28
C CYS G 48 7.34 3.11 5.94
N ASN G 49 8.19 4.12 6.18
CA ASN G 49 9.58 3.90 5.89
C ASN G 49 10.36 3.42 7.13
N ASP G 50 10.57 2.12 7.21
CA ASP G 50 11.08 1.46 8.40
C ASP G 50 12.61 1.43 8.38
N GLN G 51 13.27 2.29 9.14
CA GLN G 51 14.77 2.23 9.20
C GLN G 51 15.30 0.81 9.48
N ASP G 52 14.59 0.08 10.32
CA ASP G 52 15.03 -1.25 10.75
C ASP G 52 15.20 -2.19 9.59
N THR G 53 14.34 -2.08 8.56
CA THR G 53 14.47 -2.99 7.42
C THR G 53 14.93 -2.25 6.18
N ARG G 54 15.09 -0.93 6.30
CA ARG G 54 15.40 -0.09 5.15
C ARG G 54 14.47 -0.46 3.99
N THR G 55 13.19 -0.61 4.29
CA THR G 55 12.19 -0.85 3.26
C THR G 55 11.02 0.12 3.44
N SER G 56 10.50 0.63 2.33
CA SER G 56 9.26 1.41 2.33
C SER G 56 8.07 0.50 2.10
N TYR G 57 7.03 0.65 2.90
CA TYR G 57 5.86 -0.14 2.75
C TYR G 57 4.70 0.75 2.55
N ARG G 58 3.67 0.24 1.87
CA ARG G 58 2.40 0.94 1.74
C ARG G 58 1.39 0.49 2.77
N ILE G 59 0.40 1.35 2.98
CA ILE G 59 -0.69 1.04 3.88
C ILE G 59 -1.34 -0.36 3.60
N GLY G 60 -1.40 -1.15 4.65
CA GLY G 60 -1.92 -2.48 4.59
C GLY G 60 -0.83 -3.51 4.40
N ASP G 61 0.35 -3.09 4.03
CA ASP G 61 1.46 -4.01 3.90
C ASP G 61 1.85 -4.54 5.28
N THR G 62 2.35 -5.78 5.31
CA THR G 62 2.80 -6.40 6.55
C THR G 62 4.18 -6.99 6.39
N TRP G 63 4.99 -6.89 7.44
CA TRP G 63 6.34 -7.40 7.35
C TRP G 63 6.85 -7.85 8.72
N SER G 64 7.85 -8.73 8.65
CA SER G 64 8.58 -9.25 9.79
C SER G 64 9.87 -8.52 10.01
N LYS G 65 10.33 -8.53 11.26
CA LYS G 65 11.63 -8.04 11.62
C LYS G 65 11.83 -8.45 13.06
N LYS G 66 13.03 -8.32 13.62
CA LYS G 66 13.18 -8.59 15.06
C LYS G 66 13.54 -7.34 15.86
N ASP G 67 13.15 -7.34 17.15
CA ASP G 67 13.63 -6.30 18.10
C ASP G 67 15.11 -6.55 18.50
N ARG G 69 18.24 -7.32 19.90
CA ARG G 69 17.38 -7.42 21.08
C ARG G 69 16.50 -8.70 21.07
N GLY G 70 16.40 -9.37 19.91
CA GLY G 70 15.91 -10.76 19.84
C GLY G 70 14.55 -11.16 19.24
N ASN G 71 13.48 -10.46 19.66
CA ASN G 71 12.09 -10.89 19.41
C ASN G 71 11.57 -10.69 17.96
N LEU G 72 10.90 -11.72 17.45
CA LEU G 72 10.24 -11.65 16.16
C LEU G 72 8.98 -10.78 16.23
N LEU G 73 8.99 -9.66 15.50
CA LEU G 73 7.82 -8.79 15.35
C LEU G 73 7.08 -9.01 14.02
N GLN G 74 5.80 -8.71 14.04
CA GLN G 74 4.94 -8.71 12.88
C GLN G 74 4.30 -7.34 12.83
N CYS G 75 4.48 -6.63 11.72
CA CYS G 75 4.10 -5.23 11.61
C CYS G 75 3.13 -4.99 10.47
N ILE G 76 2.28 -3.96 10.61
CA ILE G 76 1.33 -3.55 9.57
C ILE G 76 1.41 -2.03 9.39
N CYS G 77 1.45 -1.59 8.14
CA CYS G 77 1.51 -0.18 7.87
C CYS G 77 0.11 0.37 7.95
N THR G 78 -0.10 1.36 8.82
CA THR G 78 -1.43 1.93 8.96
C THR G 78 -1.52 3.36 8.38
N GLY G 79 -0.40 4.08 8.32
CA GLY G 79 -0.40 5.43 7.76
C GLY G 79 -0.95 6.44 8.71
N ASN G 80 -2.27 6.49 8.82
CA ASN G 80 -2.93 7.34 9.78
C ASN G 80 -2.53 8.85 9.64
N GLY G 81 -2.22 9.27 8.39
CA GLY G 81 -1.76 10.62 8.10
C GLY G 81 -0.39 10.99 8.67
N ARG G 82 0.33 10.03 9.22
CA ARG G 82 1.51 10.27 10.03
C ARG G 82 2.67 9.40 9.68
N GLY G 83 2.54 8.60 8.63
CA GLY G 83 3.52 7.55 8.38
C GLY G 83 3.63 6.54 9.52
N GLU G 84 2.48 6.06 9.98
CA GLU G 84 2.45 5.26 11.19
C GLU G 84 2.35 3.77 10.86
N TRP G 85 3.03 2.95 11.66
CA TRP G 85 2.78 1.52 11.62
C TRP G 85 2.64 0.97 13.05
N LYS G 86 2.25 -0.29 13.16
CA LYS G 86 2.11 -1.00 14.43
C LYS G 86 2.73 -2.36 14.32
N CYS G 87 3.44 -2.77 15.38
CA CYS G 87 4.14 -4.04 15.44
C CYS G 87 3.72 -4.86 16.66
N GLU G 88 3.81 -6.17 16.56
CA GLU G 88 3.38 -6.99 17.69
C GLU G 88 4.20 -8.26 17.79
N ARG G 89 4.39 -8.69 19.05
CA ARG G 89 5.02 -9.97 19.50
C ARG G 89 6.37 -9.69 20.20
N GLN H 2 1.91 -8.24 22.34
CA GLN H 2 1.78 -6.78 22.73
C GLN H 2 2.26 -5.80 21.65
N VAL H 3 1.58 -4.66 21.60
CA VAL H 3 1.60 -3.73 20.46
C VAL H 3 2.38 -2.41 20.68
N THR H 4 3.34 -2.15 19.80
CA THR H 4 4.03 -0.91 19.74
C THR H 4 3.57 -0.13 18.49
N THR H 5 3.27 1.16 18.69
CA THR H 5 2.93 2.05 17.60
C THR H 5 4.10 2.95 17.32
N GLU H 6 4.41 3.15 16.06
CA GLU H 6 5.57 3.93 15.67
C GLU H 6 5.29 4.62 14.36
N SER H 7 5.65 5.89 14.27
CA SER H 7 5.44 6.61 13.05
C SER H 7 6.75 7.28 12.69
N ASN H 8 6.94 7.50 11.41
CA ASN H 8 8.09 8.21 10.93
C ASN H 8 7.58 9.06 9.78
N LEU H 9 7.55 10.37 9.98
CA LEU H 9 7.04 11.29 8.98
C LEU H 9 8.08 12.34 8.57
N VAL H 10 8.35 12.44 7.28
CA VAL H 10 9.20 13.50 6.74
C VAL H 10 8.38 14.31 5.76
N GLU H 11 8.43 15.64 5.89
CA GLU H 11 7.70 16.53 4.98
C GLU H 11 8.67 17.59 4.43
N PHE H 12 8.42 18.06 3.20
CA PHE H 12 9.27 18.99 2.48
C PHE H 12 8.38 19.97 1.77
N ASP H 13 8.86 21.18 1.58
CA ASP H 13 8.02 22.19 1.01
C ASP H 13 8.88 23.28 0.41
N GLU H 14 8.84 23.43 -0.92
CA GLU H 14 9.66 24.43 -1.56
C GLU H 14 9.03 25.07 -2.82
N GLU H 15 9.72 26.09 -3.31
CA GLU H 15 9.36 26.77 -4.53
C GLU H 15 10.23 26.28 -5.68
N SER H 16 9.74 26.40 -6.91
CA SER H 16 10.56 25.99 -8.06
C SER H 16 10.36 26.93 -9.28
N THR H 17 11.30 26.88 -10.22
CA THR H 17 11.21 27.68 -11.45
C THR H 17 11.81 26.99 -12.65
N LYS H 18 11.47 27.54 -13.84
CA LYS H 18 12.11 27.33 -15.15
C LYS H 18 11.06 27.33 -16.25
N GLU I 1 2.70 3.05 37.91
CA GLU I 1 3.16 4.32 38.57
C GLU I 1 4.59 4.65 38.11
N LYS I 2 5.38 3.62 37.76
CA LYS I 2 6.65 3.80 37.05
C LYS I 2 6.59 3.44 35.55
N CYS I 3 7.61 3.88 34.80
CA CYS I 3 7.87 3.50 33.43
C CYS I 3 9.31 3.15 33.35
N PHE I 4 9.69 2.26 32.44
CA PHE I 4 11.10 1.78 32.38
C PHE I 4 11.82 1.95 31.02
N ASP I 5 12.99 2.62 31.05
CA ASP I 5 13.79 2.96 29.87
C ASP I 5 15.09 2.14 29.81
N HIS I 6 15.12 1.11 28.97
CA HIS I 6 16.12 0.02 29.16
C HIS I 6 17.44 0.30 28.47
N ALA I 7 17.42 1.18 27.49
CA ALA I 7 18.64 1.68 26.87
C ALA I 7 19.44 2.48 27.89
N ALA I 8 18.75 3.15 28.80
CA ALA I 8 19.43 3.96 29.81
C ALA I 8 19.69 3.21 31.12
N GLY I 9 18.87 2.21 31.41
CA GLY I 9 18.89 1.57 32.70
C GLY I 9 18.25 2.41 33.80
N THR I 10 17.14 3.05 33.47
CA THR I 10 16.47 4.09 34.27
C THR I 10 14.97 3.82 34.42
N SER I 11 14.27 4.57 35.26
CA SER I 11 12.80 4.47 35.36
C SER I 11 12.20 5.80 35.79
N TYR I 12 10.90 5.99 35.55
CA TYR I 12 10.30 7.32 35.69
C TYR I 12 8.96 7.17 36.32
N VAL I 13 8.45 8.23 36.93
CA VAL I 13 7.10 8.19 37.47
C VAL I 13 6.13 8.89 36.52
N VAL I 14 4.84 8.67 36.72
CA VAL I 14 3.86 9.14 35.73
C VAL I 14 3.99 10.65 35.65
N GLY I 15 4.02 11.17 34.43
CA GLY I 15 4.05 12.59 34.23
C GLY I 15 5.45 13.08 34.01
N GLU I 16 6.46 12.25 34.29
CA GLU I 16 7.86 12.68 34.07
C GLU I 16 8.23 12.63 32.59
N THR I 17 9.19 13.47 32.21
CA THR I 17 9.63 13.54 30.83
C THR I 17 11.12 13.31 30.83
N TRP I 18 11.62 12.79 29.73
CA TRP I 18 13.05 12.65 29.59
C TRP I 18 13.41 12.60 28.11
N GLU I 19 14.68 12.84 27.82
CA GLU I 19 15.17 12.76 26.47
C GLU I 19 15.81 11.40 26.22
N LYS I 20 15.58 10.88 25.03
CA LYS I 20 15.98 9.54 24.66
C LYS I 20 16.61 9.55 23.26
N PRO I 21 17.80 8.95 23.08
CA PRO I 21 18.22 8.90 21.68
C PRO I 21 17.28 7.98 20.84
N TYR I 22 17.35 8.11 19.52
CA TYR I 22 16.57 7.25 18.65
C TYR I 22 17.33 6.96 17.37
N GLN I 23 17.53 5.67 17.11
CA GLN I 23 18.36 5.24 16.01
C GLN I 23 19.67 6.02 16.05
N GLY I 24 20.22 6.10 17.26
CA GLY I 24 21.56 6.67 17.45
C GLY I 24 21.66 8.17 17.59
N TRP I 25 21.40 8.88 16.49
CA TRP I 25 21.71 10.31 16.38
C TRP I 25 20.49 11.20 16.56
N MET I 26 19.28 10.63 16.46
CA MET I 26 18.09 11.43 16.69
C MET I 26 17.75 11.46 18.15
N MET I 27 16.96 12.46 18.52
CA MET I 27 16.50 12.65 19.86
C MET I 27 14.99 12.81 19.91
N VAL I 28 14.38 12.16 20.89
CA VAL I 28 12.97 12.29 21.17
C VAL I 28 12.76 12.64 22.66
N ASP I 29 11.65 13.30 22.98
CA ASP I 29 11.26 13.53 24.36
C ASP I 29 10.14 12.58 24.72
N CYS I 30 10.37 11.83 25.80
CA CYS I 30 9.48 10.79 26.21
C CYS I 30 8.72 11.21 27.43
N THR I 31 7.53 10.67 27.62
CA THR I 31 6.66 11.02 28.71
C THR I 31 6.16 9.72 29.28
N CYS I 32 6.16 9.61 30.60
CA CYS I 32 5.61 8.44 31.26
C CYS I 32 4.08 8.60 31.47
N LEU I 33 3.31 7.68 30.87
CA LEU I 33 1.85 7.64 31.07
C LEU I 33 1.43 6.51 32.04
N GLY I 34 2.21 5.43 32.10
CA GLY I 34 1.92 4.34 33.01
C GLY I 34 0.73 3.49 32.62
N GLU I 35 -0.46 4.02 32.87
CA GLU I 35 -1.75 3.33 32.62
C GLU I 35 -1.67 1.80 32.68
N GLY I 36 -1.28 1.24 33.82
CA GLY I 36 -1.25 -0.23 33.97
C GLY I 36 -0.10 -1.01 33.33
N SER I 37 0.62 -0.39 32.41
CA SER I 37 1.69 -1.09 31.67
C SER I 37 3.06 -0.42 31.82
N GLY I 38 3.01 0.87 32.14
CA GLY I 38 4.21 1.70 32.16
C GLY I 38 4.28 2.31 30.78
N ARG I 39 3.11 2.75 30.31
CA ARG I 39 2.99 3.23 28.93
C ARG I 39 3.81 4.50 28.75
N ILE I 40 4.76 4.41 27.82
CA ILE I 40 5.59 5.51 27.43
C ILE I 40 5.20 6.02 26.05
N THR I 41 5.15 7.34 25.94
CA THR I 41 4.92 8.07 24.72
C THR I 41 6.08 8.97 24.36
N CYS I 42 6.71 8.76 23.21
CA CYS I 42 7.84 9.64 22.78
C CYS I 42 7.62 10.37 21.45
N THR I 43 8.22 11.54 21.32
CA THR I 43 8.03 12.37 20.13
C THR I 43 9.22 13.29 19.88
N SER I 44 9.54 13.48 18.58
CA SER I 44 10.60 14.43 18.19
C SER I 44 10.02 15.78 17.79
N ARG I 45 8.80 16.06 18.17
CA ARG I 45 8.10 17.21 17.61
C ARG I 45 8.63 18.58 18.12
N ASN I 46 9.49 18.55 19.14
CA ASN I 46 10.14 19.79 19.59
C ASN I 46 11.61 19.82 19.34
N ARG I 47 12.06 18.95 18.44
CA ARG I 47 13.43 18.97 18.04
C ARG I 47 13.49 18.92 16.50
N CYS I 48 14.64 19.31 15.96
CA CYS I 48 14.90 19.13 14.54
C CYS I 48 15.98 18.12 14.34
N ASN I 49 15.57 16.92 13.95
CA ASN I 49 16.44 15.85 13.58
C ASN I 49 16.69 15.83 12.07
N ASP I 50 17.79 16.47 11.66
CA ASP I 50 18.07 16.69 10.24
C ASP I 50 18.65 15.45 9.62
N GLN I 51 17.82 14.71 8.90
CA GLN I 51 18.23 13.37 8.48
C GLN I 51 19.28 13.52 7.39
N ASP I 52 19.41 14.75 6.88
CA ASP I 52 20.54 15.18 6.05
C ASP I 52 21.89 15.10 6.77
N THR I 53 22.18 16.14 7.56
CA THR I 53 23.39 16.20 8.39
C THR I 53 23.46 15.04 9.40
N ARG I 54 22.32 14.43 9.72
CA ARG I 54 22.25 13.39 10.80
C ARG I 54 22.67 13.98 12.17
N THR I 55 22.15 15.17 12.42
CA THR I 55 22.42 15.93 13.58
C THR I 55 21.10 16.30 14.20
N SER I 56 21.01 16.23 15.53
CA SER I 56 19.82 16.65 16.25
C SER I 56 19.94 18.07 16.80
N TYR I 57 18.95 18.92 16.51
CA TYR I 57 18.93 20.32 16.93
C TYR I 57 17.80 20.65 17.88
N ARG I 58 18.01 21.65 18.73
CA ARG I 58 16.97 22.17 19.59
C ARG I 58 16.30 23.38 18.95
N ILE I 59 15.09 23.70 19.37
CA ILE I 59 14.45 24.90 18.86
C ILE I 59 15.44 26.06 19.04
N GLY I 60 15.48 26.97 18.07
CA GLY I 60 16.44 28.06 18.10
C GLY I 60 17.76 27.71 17.48
N ASP I 61 18.16 26.45 17.45
CA ASP I 61 19.47 26.20 16.84
C ASP I 61 19.42 26.63 15.37
N THR I 62 20.59 26.99 14.83
CA THR I 62 20.75 27.28 13.41
C THR I 62 21.95 26.53 12.89
N TRP I 63 21.93 26.15 11.62
CA TRP I 63 23.05 25.40 11.06
C TRP I 63 23.15 25.61 9.54
N SER I 64 24.18 25.04 8.95
CA SER I 64 24.36 25.02 7.51
C SER I 64 24.73 23.62 7.04
N GLN I 74 21.16 29.94 6.65
CA GLN I 74 20.29 28.94 6.07
C GLN I 74 19.16 28.58 7.01
N CYS I 75 19.39 27.52 7.80
CA CYS I 75 18.30 26.83 8.53
C CYS I 75 18.23 27.25 9.99
N ILE I 76 17.00 27.43 10.44
CA ILE I 76 16.68 27.60 11.84
C ILE I 76 15.71 26.51 12.25
N CYS I 77 15.91 25.94 13.45
CA CYS I 77 15.02 24.90 13.96
C CYS I 77 13.87 25.58 14.66
N THR I 78 12.66 25.37 14.18
CA THR I 78 11.50 26.10 14.67
C THR I 78 10.57 25.21 15.49
N GLY I 79 10.61 23.91 15.21
CA GLY I 79 9.78 22.99 15.97
C GLY I 79 8.34 22.98 15.50
N ASN I 80 7.58 23.99 15.90
CA ASN I 80 6.19 24.13 15.44
C ASN I 80 5.33 22.92 15.72
N GLY I 81 5.68 22.15 16.75
CA GLY I 81 4.90 21.00 17.12
C GLY I 81 4.95 19.90 16.08
N ARG I 82 5.91 20.00 15.16
CA ARG I 82 5.99 19.09 14.01
C ARG I 82 7.39 18.61 13.71
N GLY I 83 8.37 19.05 14.50
CA GLY I 83 9.75 18.64 14.22
C GLY I 83 10.26 19.34 12.97
N GLU I 84 9.93 20.61 12.90
CA GLU I 84 10.04 21.42 11.71
C GLU I 84 11.17 22.46 11.77
N TRP I 85 11.87 22.63 10.65
CA TRP I 85 12.89 23.63 10.49
C TRP I 85 12.83 24.28 9.08
N LYS I 86 13.48 25.44 8.96
CA LYS I 86 13.55 26.21 7.70
C LYS I 86 14.97 26.38 7.22
N CYS I 87 15.10 26.68 5.93
CA CYS I 87 16.39 26.92 5.33
C CYS I 87 16.28 27.99 4.27
N GLU I 88 17.44 28.51 3.85
CA GLU I 88 17.57 29.54 2.79
C GLU I 88 18.88 29.38 2.05
N VAL J 3 14.03 29.82 0.08
CA VAL J 3 13.31 29.51 1.37
C VAL J 3 12.47 28.20 1.31
N THR J 4 12.76 27.28 2.21
CA THR J 4 12.17 25.95 2.22
C THR J 4 11.86 25.43 3.63
N THR J 5 10.68 24.84 3.82
CA THR J 5 10.31 24.20 5.08
C THR J 5 10.47 22.66 5.00
N GLU J 6 11.03 22.07 6.05
CA GLU J 6 11.22 20.64 6.12
C GLU J 6 10.93 20.10 7.56
N SER J 7 10.44 18.88 7.62
CA SER J 7 9.99 18.19 8.83
C SER J 7 10.67 16.84 9.00
N ASN J 8 10.94 16.48 10.25
CA ASN J 8 11.09 15.10 10.58
C ASN J 8 10.31 14.84 11.90
N LEU J 9 9.29 13.97 11.86
CA LEU J 9 8.54 13.64 13.07
C LEU J 9 8.58 12.14 13.32
N VAL J 10 9.20 11.80 14.45
CA VAL J 10 9.25 10.47 14.99
C VAL J 10 8.37 10.45 16.20
N GLU J 11 7.46 9.46 16.26
CA GLU J 11 6.68 9.26 17.46
C GLU J 11 6.52 7.78 17.69
N PHE J 12 6.47 7.41 18.96
CA PHE J 12 6.10 6.02 19.25
C PHE J 12 5.52 5.86 20.66
N ASP J 13 4.84 4.74 20.82
CA ASP J 13 3.90 4.46 21.87
C ASP J 13 4.12 3.00 22.25
N GLU J 14 4.45 2.78 23.52
CA GLU J 14 4.63 1.41 23.99
C GLU J 14 4.39 1.27 25.49
N GLU J 15 4.23 0.02 25.92
CA GLU J 15 4.05 -0.32 27.32
C GLU J 15 5.36 -0.78 27.96
N GLU K 1 4.57 -21.97 -3.95
CA GLU K 1 3.42 -21.29 -3.26
C GLU K 1 3.79 -19.80 -2.93
N LYS K 2 4.74 -19.54 -2.04
CA LYS K 2 5.13 -18.13 -1.74
C LYS K 2 6.61 -17.79 -2.07
N CYS K 3 6.87 -16.48 -2.23
CA CYS K 3 8.19 -15.94 -2.42
C CYS K 3 8.42 -15.07 -1.26
N PHE K 4 9.67 -14.96 -0.82
CA PHE K 4 9.99 -14.26 0.41
C PHE K 4 11.11 -13.26 0.16
N ASP K 5 10.96 -12.07 0.69
CA ASP K 5 12.06 -11.09 0.73
C ASP K 5 12.47 -10.94 2.15
N HIS K 6 13.46 -11.74 2.57
CA HIS K 6 13.82 -11.79 3.99
C HIS K 6 14.47 -10.50 4.45
N ALA K 7 15.11 -9.77 3.54
CA ALA K 7 15.54 -8.39 3.85
C ALA K 7 14.37 -7.46 4.26
N ALA K 8 13.32 -7.47 3.44
CA ALA K 8 12.12 -6.66 3.73
C ALA K 8 11.20 -7.26 4.79
N GLY K 9 11.34 -8.56 5.06
CA GLY K 9 10.48 -9.25 5.99
C GLY K 9 9.08 -9.47 5.39
N THR K 10 9.03 -9.61 4.06
CA THR K 10 7.80 -9.68 3.29
C THR K 10 7.68 -10.98 2.50
N SER K 11 6.47 -11.28 2.08
CA SER K 11 6.23 -12.44 1.24
C SER K 11 5.17 -12.11 0.20
N TYR K 12 5.14 -12.92 -0.86
CA TYR K 12 4.39 -12.67 -2.02
C TYR K 12 3.88 -13.99 -2.45
N VAL K 13 2.86 -13.91 -3.26
CA VAL K 13 2.16 -15.05 -3.79
C VAL K 13 2.50 -15.14 -5.26
N VAL K 14 2.40 -16.34 -5.87
CA VAL K 14 2.74 -16.53 -7.26
C VAL K 14 1.88 -15.64 -8.16
N GLY K 15 2.56 -14.94 -9.07
CA GLY K 15 1.91 -14.01 -9.97
C GLY K 15 1.87 -12.59 -9.42
N GLU K 16 2.11 -12.40 -8.13
CA GLU K 16 2.23 -11.05 -7.57
C GLU K 16 3.41 -10.24 -8.19
N THR K 17 3.19 -8.96 -8.49
CA THR K 17 4.28 -8.04 -8.81
C THR K 17 4.45 -6.95 -7.74
N TRP K 18 5.64 -6.36 -7.69
CA TRP K 18 5.85 -5.22 -6.85
C TRP K 18 6.99 -4.37 -7.43
N GLU K 19 7.00 -3.08 -7.14
CA GLU K 19 8.11 -2.19 -7.53
C GLU K 19 9.01 -1.97 -6.31
N LYS K 20 10.26 -1.60 -6.57
CA LYS K 20 11.34 -1.74 -5.64
C LYS K 20 12.42 -0.74 -6.01
N PRO K 21 12.84 0.17 -5.09
CA PRO K 21 14.07 0.90 -5.47
C PRO K 21 15.24 -0.06 -5.66
N TYR K 22 16.24 0.32 -6.44
CA TYR K 22 17.40 -0.55 -6.68
C TYR K 22 18.68 0.30 -6.75
N GLN K 23 19.68 -0.13 -5.99
CA GLN K 23 20.86 0.70 -5.66
C GLN K 23 20.60 2.22 -5.63
N GLY K 24 19.68 2.65 -4.77
CA GLY K 24 19.62 4.00 -4.31
C GLY K 24 18.95 5.02 -5.22
N TRP K 25 18.83 4.75 -6.51
CA TRP K 25 18.07 5.72 -7.25
C TRP K 25 17.21 5.06 -8.35
N MET K 26 17.59 3.86 -8.73
CA MET K 26 16.90 3.17 -9.79
C MET K 26 15.56 2.61 -9.30
N MET K 27 14.80 2.02 -10.21
CA MET K 27 13.60 1.25 -9.86
C MET K 27 13.69 -0.05 -10.62
N VAL K 28 13.06 -1.06 -10.08
CA VAL K 28 12.86 -2.28 -10.85
C VAL K 28 11.45 -2.79 -10.52
N ASP K 29 11.01 -3.74 -11.34
CA ASP K 29 9.74 -4.38 -11.15
C ASP K 29 10.04 -5.85 -10.98
N CYS K 30 9.49 -6.42 -9.91
CA CYS K 30 9.72 -7.80 -9.53
C CYS K 30 8.43 -8.62 -9.58
N THR K 31 8.59 -9.93 -9.75
CA THR K 31 7.47 -10.86 -9.80
C THR K 31 7.83 -12.11 -9.04
N CYS K 32 6.83 -12.62 -8.31
CA CYS K 32 6.91 -13.94 -7.70
C CYS K 32 6.48 -15.01 -8.69
N LEU K 33 7.42 -15.80 -9.18
CA LEU K 33 7.11 -16.92 -10.09
C LEU K 33 6.97 -18.23 -9.32
N GLY K 34 7.64 -18.34 -8.19
CA GLY K 34 7.61 -19.56 -7.38
C GLY K 34 8.45 -20.63 -8.08
N GLU K 35 7.85 -21.33 -9.03
CA GLU K 35 8.57 -22.35 -9.80
C GLU K 35 9.21 -23.37 -8.88
N GLY K 36 8.60 -23.57 -7.71
CA GLY K 36 9.07 -24.52 -6.71
C GLY K 36 10.29 -24.07 -5.90
N SER K 37 10.82 -22.89 -6.18
CA SER K 37 11.99 -22.40 -5.45
C SER K 37 11.79 -20.99 -4.92
N GLY K 38 10.53 -20.66 -4.59
CA GLY K 38 10.16 -19.33 -4.13
C GLY K 38 10.84 -18.28 -5.01
N ARG K 39 10.77 -18.48 -6.33
CA ARG K 39 11.69 -17.76 -7.19
C ARG K 39 11.13 -16.40 -7.59
N ILE K 40 11.97 -15.39 -7.41
CA ILE K 40 11.64 -14.00 -7.75
C ILE K 40 12.47 -13.52 -8.94
N THR K 41 11.83 -12.88 -9.93
CA THR K 41 12.62 -12.22 -10.98
C THR K 41 12.36 -10.70 -10.89
N CYS K 42 13.43 -9.88 -10.99
CA CYS K 42 13.31 -8.45 -11.06
C CYS K 42 13.94 -7.93 -12.34
N THR K 43 13.35 -6.89 -12.91
CA THR K 43 13.81 -6.37 -14.20
C THR K 43 13.53 -4.90 -14.28
N SER K 44 14.36 -4.17 -15.02
CA SER K 44 13.97 -2.75 -15.31
C SER K 44 13.51 -2.54 -16.75
N ARG K 45 12.94 -3.58 -17.38
CA ARG K 45 12.54 -3.48 -18.75
C ARG K 45 11.54 -2.36 -18.97
N ASN K 46 10.73 -2.05 -17.96
CA ASN K 46 9.74 -0.98 -18.10
C ASN K 46 10.09 0.28 -17.31
N ARG K 47 11.38 0.46 -17.02
CA ARG K 47 11.89 1.63 -16.36
C ARG K 47 13.01 2.24 -17.18
N CYS K 48 13.19 3.56 -17.09
CA CYS K 48 14.32 4.26 -17.71
C CYS K 48 15.13 4.81 -16.61
N ASN K 49 16.21 4.13 -16.30
CA ASN K 49 17.02 4.53 -15.19
C ASN K 49 18.21 5.30 -15.73
N ASP K 50 18.04 6.61 -15.91
CA ASP K 50 19.05 7.47 -16.50
C ASP K 50 20.13 7.82 -15.48
N GLN K 51 21.30 7.22 -15.63
CA GLN K 51 22.43 7.53 -14.75
C GLN K 51 22.98 8.96 -14.88
N ASP K 52 22.76 9.60 -16.02
CA ASP K 52 23.12 11.00 -16.17
C ASP K 52 22.36 11.89 -15.19
N THR K 53 21.13 11.51 -14.84
CA THR K 53 20.35 12.34 -13.92
C THR K 53 20.11 11.58 -12.64
N ARG K 54 20.70 10.39 -12.54
CA ARG K 54 20.45 9.44 -11.43
C ARG K 54 18.97 9.36 -11.05
N THR K 55 18.12 9.33 -12.06
CA THR K 55 16.69 9.42 -11.85
C THR K 55 16.01 8.32 -12.64
N SER K 56 14.94 7.78 -12.07
CA SER K 56 14.19 6.69 -12.70
C SER K 56 12.88 7.21 -13.25
N TYR K 57 12.62 6.95 -14.52
CA TYR K 57 11.43 7.42 -15.18
C TYR K 57 10.55 6.25 -15.57
N ARG K 58 9.26 6.50 -15.73
CA ARG K 58 8.36 5.49 -16.25
C ARG K 58 8.15 5.73 -17.70
N ILE K 59 7.58 4.74 -18.37
CA ILE K 59 7.28 4.89 -19.78
C ILE K 59 6.41 6.12 -19.98
N GLY K 60 6.64 6.80 -21.10
CA GLY K 60 5.89 7.96 -21.49
C GLY K 60 6.39 9.23 -20.84
N ASP K 61 7.14 9.11 -19.75
CA ASP K 61 7.66 10.32 -19.10
C ASP K 61 8.74 10.99 -19.95
N THR K 62 8.99 12.26 -19.67
CA THR K 62 9.96 13.07 -20.42
C THR K 62 10.75 13.91 -19.47
N TRP K 63 12.02 14.13 -19.83
CA TRP K 63 12.90 14.90 -19.02
C TRP K 63 13.98 15.54 -19.91
N SER K 64 14.66 16.50 -19.30
CA SER K 64 15.74 17.25 -19.92
C SER K 64 17.05 17.05 -19.23
N LYS K 65 18.11 17.20 -20.01
CA LYS K 65 19.46 17.17 -19.51
C LYS K 65 20.42 17.55 -20.63
N LYS K 66 21.71 17.54 -20.30
CA LYS K 66 22.75 17.91 -21.22
C LYS K 66 23.67 16.74 -21.53
N ASP K 67 24.20 16.72 -22.75
CA ASP K 67 25.29 15.80 -23.08
C ASP K 67 26.64 16.33 -22.57
N ASN K 68 27.71 15.62 -22.91
CA ASN K 68 29.05 15.92 -22.34
C ASN K 68 29.61 17.25 -22.84
N ARG K 69 28.99 17.83 -23.85
CA ARG K 69 29.45 19.13 -24.36
C ARG K 69 28.43 20.22 -24.04
N GLY K 70 27.57 19.96 -23.05
CA GLY K 70 26.59 20.94 -22.57
C GLY K 70 25.41 21.23 -23.50
N ASN K 71 25.27 20.44 -24.56
CA ASN K 71 24.08 20.48 -25.39
C ASN K 71 22.82 20.02 -24.64
N LEU K 72 21.80 20.88 -24.51
CA LEU K 72 20.54 20.47 -23.86
C LEU K 72 19.79 19.36 -24.64
N LEU K 73 19.47 18.25 -23.95
CA LEU K 73 18.72 17.16 -24.59
C LEU K 73 17.28 17.01 -24.05
N GLN K 74 16.38 16.60 -24.92
CA GLN K 74 15.01 16.28 -24.50
C GLN K 74 14.79 14.77 -24.65
N CYS K 75 14.34 14.13 -23.57
CA CYS K 75 14.25 12.67 -23.52
C CYS K 75 12.85 12.16 -23.20
N ILE K 76 12.49 11.00 -23.77
CA ILE K 76 11.27 10.28 -23.43
C ILE K 76 11.54 8.79 -23.17
N CYS K 77 10.94 8.27 -22.12
CA CYS K 77 11.03 6.87 -21.80
C CYS K 77 10.12 6.06 -22.72
N THR K 78 10.71 5.13 -23.44
CA THR K 78 9.91 4.28 -24.33
C THR K 78 9.73 2.86 -23.77
N GLY K 79 10.70 2.41 -22.96
CA GLY K 79 10.69 1.05 -22.42
C GLY K 79 11.13 0.03 -23.47
N ASN K 80 10.26 -0.20 -24.43
CA ASN K 80 10.52 -1.12 -25.53
C ASN K 80 10.97 -2.53 -25.08
N GLY K 81 10.48 -2.98 -23.92
CA GLY K 81 10.89 -4.25 -23.32
C GLY K 81 12.35 -4.31 -22.90
N ARG K 82 13.08 -3.20 -22.92
CA ARG K 82 14.51 -3.34 -22.59
C ARG K 82 15.07 -2.17 -21.82
N GLY K 83 14.20 -1.33 -21.25
CA GLY K 83 14.64 -0.18 -20.48
C GLY K 83 15.09 0.96 -21.38
N GLU K 84 14.36 1.16 -22.49
CA GLU K 84 14.83 2.06 -23.54
C GLU K 84 14.30 3.49 -23.40
N TRP K 85 15.17 4.47 -23.65
CA TRP K 85 14.70 5.86 -23.85
C TRP K 85 15.34 6.47 -25.10
N LYS K 86 14.75 7.56 -25.58
CA LYS K 86 15.30 8.28 -26.71
C LYS K 86 15.51 9.73 -26.32
N CYS K 87 16.60 10.32 -26.76
CA CYS K 87 16.82 11.75 -26.51
C CYS K 87 17.14 12.46 -27.82
N GLU K 88 16.75 13.72 -27.89
CA GLU K 88 16.81 14.47 -29.09
C GLU K 88 17.50 15.76 -28.75
N ARG K 89 18.47 16.15 -29.57
CA ARG K 89 19.17 17.40 -29.32
C ARG K 89 18.32 18.55 -29.82
N GLN L 2 21.38 14.07 -33.54
CA GLN L 2 20.03 14.67 -33.12
C GLN L 2 19.28 13.65 -32.21
N VAL L 3 18.62 12.62 -32.75
CA VAL L 3 18.04 11.57 -31.83
C VAL L 3 19.01 10.41 -31.46
N THR L 4 19.21 10.14 -30.18
CA THR L 4 19.96 8.92 -29.83
C THR L 4 19.14 8.05 -28.86
N THR L 5 19.10 6.76 -29.16
CA THR L 5 18.40 5.79 -28.37
C THR L 5 19.40 5.13 -27.41
N GLU L 6 19.01 5.05 -26.14
CA GLU L 6 19.80 4.35 -25.15
C GLU L 6 18.91 3.40 -24.33
N SER L 7 19.33 2.15 -24.22
CA SER L 7 18.65 1.13 -23.42
C SER L 7 19.56 0.75 -22.30
N ASN L 8 19.05 0.81 -21.09
CA ASN L 8 19.77 0.28 -19.96
C ASN L 8 18.85 -0.71 -19.28
N LEU L 9 19.33 -1.94 -19.17
CA LEU L 9 18.51 -2.97 -18.57
C LEU L 9 19.28 -3.66 -17.45
N VAL L 10 18.57 -3.98 -16.38
CA VAL L 10 19.15 -4.88 -15.41
C VAL L 10 18.09 -5.96 -15.19
N GLU L 11 18.52 -7.20 -15.14
CA GLU L 11 17.64 -8.31 -14.81
C GLU L 11 18.40 -9.23 -13.85
N PHE L 12 17.65 -9.84 -12.92
CA PHE L 12 18.20 -10.78 -11.96
C PHE L 12 17.07 -11.53 -11.23
N ASP L 13 17.31 -12.80 -10.97
CA ASP L 13 16.32 -13.59 -10.26
C ASP L 13 16.95 -14.29 -9.05
N GLU L 14 16.11 -14.72 -8.11
CA GLU L 14 16.56 -15.30 -6.86
C GLU L 14 15.58 -16.39 -6.43
N GLU L 15 16.08 -17.42 -5.74
CA GLU L 15 15.18 -18.40 -5.11
C GLU L 15 14.91 -17.96 -3.70
N SER L 16 13.83 -18.44 -3.12
CA SER L 16 13.33 -17.91 -1.88
C SER L 16 12.88 -19.05 -0.98
N THR L 17 13.11 -18.93 0.33
CA THR L 17 12.54 -19.87 1.29
C THR L 17 11.96 -19.12 2.51
N LYS L 18 11.04 -19.77 3.22
CA LYS L 18 10.26 -19.16 4.32
C LYS L 18 11.11 -18.72 5.50
#